data_2A84
#
_entry.id   2A84
#
_cell.length_a   118.953
_cell.length_b   44.877
_cell.length_c   82.125
_cell.angle_alpha   90.00
_cell.angle_beta   125.26
_cell.angle_gamma   90.00
#
_symmetry.space_group_name_H-M   'C 1 2 1'
#
loop_
_entity.id
_entity.type
_entity.pdbx_description
1 polymer 'Pantoate--beta-alanine ligase'
2 non-polymer 'MAGNESIUM ION'
3 non-polymer "ADENOSINE-5'-TRIPHOSPHATE"
4 non-polymer GLYCEROL
5 water water
#
_entity_poly.entity_id   1
_entity_poly.type   'polypeptide(L)'
_entity_poly.pdbx_seq_one_letter_code
;MAIPAFHPGELNVYSAPGDVADVSRALRLTGRRVMLVPTMGALHEGHLALVRAAKRVPGSVVVVSIFVNPMQFGAGGDLD
AYPRTPDDDLAQLRAEGVEIAFTPTTAAMYPDGLRTTVQPGPLAAELEGGPRPTHFAGVLTVVLKLLQIVRPDRVFFGEK
DYQQLVLIRQLVADFNLDVAVVGVPTVREADGLAMSSRNRYLDPAQRAAAVALSAALTAAAHAATAGAQAALDAARAVLD
AAPGVAVDYLELRDIGLGPMPLNGSGRLLVAARLGTTRLLDNIAIEIGTFAGTDRPDGYR
;
_entity_poly.pdbx_strand_id   A
#
# COMPACT_ATOMS: atom_id res chain seq x y z
N ILE A 3 28.44 -1.51 16.12
CA ILE A 3 27.32 -1.02 15.25
C ILE A 3 27.83 -0.94 13.82
N PRO A 4 26.99 -1.29 12.84
CA PRO A 4 27.35 -1.10 11.43
C PRO A 4 27.59 0.38 11.17
N ALA A 5 28.41 0.68 10.17
CA ALA A 5 28.65 2.06 9.85
C ALA A 5 27.35 2.65 9.34
N PHE A 6 27.09 3.89 9.73
CA PHE A 6 26.00 4.68 9.18
C PHE A 6 26.58 6.05 8.85
N HIS A 7 26.35 6.50 7.62
CA HIS A 7 26.83 7.79 7.15
C HIS A 7 25.64 8.71 6.97
N PRO A 8 25.51 9.70 7.86
CA PRO A 8 24.35 10.56 7.83
C PRO A 8 24.29 11.37 6.57
N GLY A 9 23.08 11.60 6.12
CA GLY A 9 22.87 12.40 4.96
C GLY A 9 23.29 11.74 3.66
N GLU A 10 23.51 10.43 3.69
CA GLU A 10 23.79 9.63 2.51
C GLU A 10 22.89 8.39 2.57
N LEU A 11 22.78 7.71 1.43
CA LEU A 11 22.12 6.39 1.41
C LEU A 11 23.03 5.33 2.03
N ASN A 12 22.45 4.57 2.97
CA ASN A 12 23.11 3.44 3.58
C ASN A 12 22.22 2.24 3.32
N VAL A 13 22.80 1.16 2.79
CA VAL A 13 22.03 -0.03 2.43
C VAL A 13 22.40 -1.17 3.38
N TYR A 14 21.37 -1.79 3.93
CA TYR A 14 21.56 -2.96 4.78
C TYR A 14 20.63 -4.07 4.37
N SER A 15 21.09 -5.32 4.54
CA SER A 15 20.28 -6.47 4.21
C SER A 15 20.00 -7.37 5.41
N ALA A 16 20.79 -7.25 6.47
CA ALA A 16 20.58 -8.05 7.72
C ALA A 16 19.68 -7.29 8.66
N PRO A 17 18.59 -7.90 9.12
CA PRO A 17 17.72 -7.23 10.09
C PRO A 17 18.43 -6.64 11.30
N GLY A 18 19.41 -7.34 11.86
CA GLY A 18 20.13 -6.85 13.00
C GLY A 18 20.90 -5.55 12.77
N ASP A 19 21.41 -5.39 11.55
CA ASP A 19 22.14 -4.19 11.23
C ASP A 19 21.18 -2.98 11.25
N VAL A 20 20.02 -3.11 10.61
CA VAL A 20 19.07 -2.01 10.61
C VAL A 20 18.54 -1.74 12.00
N ALA A 21 18.31 -2.80 12.77
CA ALA A 21 17.78 -2.64 14.10
C ALA A 21 18.79 -1.87 14.96
N ASP A 22 20.07 -2.20 14.82
CA ASP A 22 21.12 -1.54 15.60
C ASP A 22 21.25 -0.06 15.22
N VAL A 23 21.23 0.22 13.91
CA VAL A 23 21.40 1.56 13.42
C VAL A 23 20.20 2.43 13.80
N SER A 24 18.99 1.90 13.58
CA SER A 24 17.76 2.62 13.92
C SER A 24 17.74 2.97 15.41
N ARG A 25 18.07 2.02 16.26
CA ARG A 25 18.09 2.25 17.70
C ARG A 25 19.02 3.42 18.04
N ALA A 26 20.24 3.35 17.52
CA ALA A 26 21.22 4.43 17.79
C ALA A 26 20.72 5.79 17.34
N LEU A 27 20.12 5.84 16.15
CA LEU A 27 19.63 7.11 15.58
C LEU A 27 18.48 7.67 16.42
N ARG A 28 17.57 6.80 16.84
CA ARG A 28 16.44 7.26 17.64
C ARG A 28 16.90 7.86 18.96
N LEU A 29 17.96 7.32 19.55
CA LEU A 29 18.45 7.87 20.80
C LEU A 29 18.96 9.31 20.67
N THR A 30 19.30 9.73 19.44
CA THR A 30 19.76 11.11 19.22
C THR A 30 18.63 12.12 19.01
N GLY A 31 17.39 11.61 18.99
CA GLY A 31 16.22 12.42 18.76
C GLY A 31 15.76 12.51 17.34
N ARG A 32 16.40 11.77 16.44
CA ARG A 32 15.92 11.72 15.10
C ARG A 32 14.80 10.71 15.02
N ARG A 33 13.64 11.12 14.53
CA ARG A 33 12.53 10.22 14.43
C ARG A 33 12.73 9.34 13.22
N VAL A 34 12.27 8.11 13.32
CA VAL A 34 12.50 7.13 12.24
C VAL A 34 11.20 6.87 11.55
N MET A 35 11.21 6.95 10.21
CA MET A 35 9.99 6.78 9.41
C MET A 35 10.22 5.53 8.57
N LEU A 36 9.18 4.71 8.37
CA LEU A 36 9.29 3.52 7.59
C LEU A 36 8.35 3.53 6.41
N VAL A 37 8.89 3.23 5.23
CA VAL A 37 8.07 3.15 3.99
C VAL A 37 8.30 1.75 3.40
N PRO A 38 7.39 0.81 3.64
CA PRO A 38 7.55 -0.53 3.05
C PRO A 38 7.22 -0.56 1.58
N THR A 39 8.07 -1.21 0.80
CA THR A 39 7.81 -1.36 -0.64
C THR A 39 8.27 -2.73 -1.17
N MET A 40 7.85 -3.03 -2.40
CA MET A 40 8.39 -4.19 -3.12
C MET A 40 9.37 -3.78 -4.22
N GLY A 41 9.94 -2.59 -4.12
CA GLY A 41 10.83 -2.12 -5.16
C GLY A 41 10.11 -1.73 -6.43
N ALA A 42 10.85 -1.69 -7.55
CA ALA A 42 10.28 -1.28 -8.84
C ALA A 42 9.65 0.11 -8.67
N LEU A 43 10.44 1.02 -8.14
CA LEU A 43 9.90 2.25 -7.60
C LEU A 43 9.38 3.19 -8.67
N HIS A 44 8.31 3.87 -8.30
CA HIS A 44 7.70 4.88 -9.17
C HIS A 44 7.19 6.04 -8.33
N GLU A 45 6.59 7.04 -8.98
CA GLU A 45 6.18 8.25 -8.27
C GLU A 45 5.16 8.06 -7.16
N GLY A 46 4.40 6.98 -7.23
CA GLY A 46 3.53 6.68 -6.12
C GLY A 46 4.30 6.35 -4.86
N HIS A 47 5.32 5.51 -4.99
CA HIS A 47 6.19 5.22 -3.86
C HIS A 47 6.87 6.50 -3.41
N LEU A 48 7.32 7.34 -4.35
CA LEU A 48 8.04 8.55 -3.95
C LEU A 48 7.18 9.51 -3.15
N ALA A 49 5.87 9.49 -3.38
CA ALA A 49 4.97 10.28 -2.54
C ALA A 49 5.02 9.88 -1.06
N LEU A 50 5.11 8.57 -0.80
CA LEU A 50 5.24 8.08 0.56
C LEU A 50 6.58 8.52 1.13
N VAL A 51 7.62 8.44 0.33
CA VAL A 51 8.93 8.88 0.81
C VAL A 51 8.91 10.35 1.13
N ARG A 52 8.32 11.16 0.27
CA ARG A 52 8.31 12.59 0.48
C ARG A 52 7.45 12.95 1.69
N ALA A 53 6.38 12.19 1.92
CA ALA A 53 5.57 12.40 3.14
C ALA A 53 6.40 12.14 4.41
N ALA A 54 7.18 11.05 4.37
CA ALA A 54 8.07 10.72 5.48
C ALA A 54 9.12 11.83 5.68
N LYS A 55 9.69 12.32 4.57
CA LYS A 55 10.75 13.35 4.65
C LYS A 55 10.25 14.67 5.17
N ARG A 56 8.96 14.95 5.08
CA ARG A 56 8.39 16.20 5.64
C ARG A 56 8.50 16.31 7.15
N VAL A 57 8.71 15.18 7.83
CA VAL A 57 8.81 15.16 9.28
C VAL A 57 10.25 15.62 9.63
N PRO A 58 10.42 16.78 10.25
CA PRO A 58 11.75 17.33 10.41
C PRO A 58 12.71 16.39 11.12
N GLY A 59 13.90 16.24 10.52
CA GLY A 59 14.97 15.47 11.15
C GLY A 59 14.84 13.99 10.94
N SER A 60 13.78 13.56 10.24
CA SER A 60 13.49 12.15 10.11
C SER A 60 14.60 11.38 9.40
N VAL A 61 14.80 10.14 9.85
CA VAL A 61 15.58 9.17 9.12
C VAL A 61 14.52 8.36 8.38
N VAL A 62 14.53 8.41 7.06
CA VAL A 62 13.59 7.64 6.29
C VAL A 62 14.23 6.30 5.92
N VAL A 63 13.52 5.23 6.28
CA VAL A 63 13.93 3.87 6.00
C VAL A 63 12.94 3.37 4.98
N VAL A 64 13.44 2.94 3.83
CA VAL A 64 12.59 2.34 2.83
C VAL A 64 13.00 0.88 2.74
N SER A 65 12.05 -0.05 2.91
CA SER A 65 12.39 -1.41 2.76
C SER A 65 11.95 -1.84 1.36
N ILE A 66 12.73 -2.74 0.78
CA ILE A 66 12.39 -3.39 -0.48
C ILE A 66 12.43 -4.90 -0.25
N PHE A 67 11.26 -5.53 -0.34
CA PHE A 67 11.13 -6.96 -0.10
C PHE A 67 9.91 -7.48 -0.81
N VAL A 68 10.11 -8.59 -1.52
CA VAL A 68 8.98 -9.37 -2.05
C VAL A 68 8.74 -10.64 -1.21
N ASN A 69 7.61 -10.72 -0.52
CA ASN A 69 7.35 -11.87 0.37
C ASN A 69 7.07 -13.10 -0.49
N PRO A 70 7.60 -14.27 -0.14
CA PRO A 70 7.23 -15.49 -0.85
C PRO A 70 5.73 -15.75 -0.72
N MET A 71 5.13 -16.31 -1.77
CA MET A 71 3.72 -16.71 -1.71
C MET A 71 3.58 -18.01 -0.93
N GLN A 72 2.54 -18.09 -0.11
CA GLN A 72 2.29 -19.27 0.69
C GLN A 72 1.70 -20.39 -0.17
N PHE A 73 1.59 -21.59 0.41
CA PHE A 73 1.16 -22.77 -0.35
C PHE A 73 -0.17 -22.55 -1.08
N GLY A 74 -0.27 -23.16 -2.26
CA GLY A 74 -1.49 -23.11 -3.06
C GLY A 74 -1.88 -21.76 -3.62
N ALA A 75 -0.98 -20.77 -3.53
CA ALA A 75 -1.24 -19.39 -3.96
C ALA A 75 -0.65 -19.09 -5.33
N PRO A 86 19.07 -5.79 -12.43
CA PRO A 86 19.61 -4.43 -12.39
C PRO A 86 18.51 -3.39 -12.57
N ASP A 87 18.30 -2.57 -11.55
CA ASP A 87 17.29 -1.54 -11.57
C ASP A 87 17.81 -0.27 -10.87
N ASP A 88 17.06 0.80 -10.93
CA ASP A 88 17.55 2.06 -10.35
C ASP A 88 16.81 2.41 -9.07
N ASP A 89 16.26 1.40 -8.39
CA ASP A 89 15.56 1.66 -7.14
C ASP A 89 16.42 2.40 -6.14
N LEU A 90 17.63 1.88 -5.90
CA LEU A 90 18.46 2.52 -4.88
C LEU A 90 18.89 3.94 -5.32
N ALA A 91 19.19 4.11 -6.59
CA ALA A 91 19.50 5.46 -7.13
C ALA A 91 18.34 6.44 -6.91
N GLN A 92 17.12 5.98 -7.11
CA GLN A 92 15.97 6.85 -6.90
C GLN A 92 15.90 7.25 -5.41
N LEU A 93 16.08 6.28 -4.52
CA LEU A 93 16.01 6.59 -3.09
C LEU A 93 17.12 7.57 -2.68
N ARG A 94 18.32 7.35 -3.20
CA ARG A 94 19.45 8.25 -2.90
C ARG A 94 19.08 9.70 -3.28
N ALA A 95 18.45 9.87 -4.43
CA ALA A 95 18.13 11.20 -4.93
C ALA A 95 17.03 11.84 -4.09
N GLU A 96 16.23 11.03 -3.40
CA GLU A 96 15.17 11.54 -2.52
C GLU A 96 15.65 11.86 -1.12
N GLY A 97 16.92 11.66 -0.84
CA GLY A 97 17.41 11.89 0.52
C GLY A 97 17.08 10.83 1.54
N VAL A 98 16.84 9.61 1.06
CA VAL A 98 16.59 8.47 1.94
C VAL A 98 17.94 8.01 2.51
N GLU A 99 18.02 7.86 3.84
CA GLU A 99 19.29 7.45 4.45
C GLU A 99 19.43 5.98 4.69
N ILE A 100 18.33 5.23 4.73
CA ILE A 100 18.43 3.78 4.92
C ILE A 100 17.55 3.05 3.93
N ALA A 101 18.17 2.15 3.15
CA ALA A 101 17.43 1.18 2.37
C ALA A 101 17.64 -0.20 2.99
N PHE A 102 16.53 -0.90 3.27
CA PHE A 102 16.62 -2.22 3.87
C PHE A 102 16.16 -3.25 2.85
N THR A 103 17.08 -4.12 2.40
CA THR A 103 16.89 -5.01 1.27
C THR A 103 17.20 -6.47 1.68
N PRO A 104 16.40 -7.02 2.59
CA PRO A 104 16.67 -8.37 3.08
C PRO A 104 16.38 -9.44 2.06
N THR A 105 17.09 -10.57 2.15
CA THR A 105 16.75 -11.78 1.41
C THR A 105 15.59 -12.48 2.12
N THR A 106 14.94 -13.38 1.40
CA THR A 106 13.95 -14.24 2.02
C THR A 106 14.53 -15.01 3.20
N ALA A 107 15.73 -15.56 3.02
CA ALA A 107 16.38 -16.31 4.09
C ALA A 107 16.62 -15.45 5.34
N ALA A 108 16.95 -14.16 5.14
CA ALA A 108 17.21 -13.25 6.29
C ALA A 108 15.89 -12.96 7.04
N MET A 109 14.78 -12.84 6.30
CA MET A 109 13.48 -12.60 6.90
C MET A 109 12.88 -13.83 7.52
N TYR A 110 13.18 -14.99 6.94
CA TYR A 110 12.60 -16.23 7.38
C TYR A 110 13.67 -17.32 7.65
N PRO A 111 14.59 -17.06 8.57
CA PRO A 111 15.69 -17.99 8.81
C PRO A 111 15.23 -19.33 9.33
N ASP A 112 14.07 -19.36 9.96
CA ASP A 112 13.52 -20.60 10.49
C ASP A 112 12.29 -21.01 9.70
N GLY A 113 12.15 -20.55 8.48
CA GLY A 113 10.99 -20.83 7.68
C GLY A 113 9.81 -20.02 8.09
N LEU A 114 8.66 -20.39 7.56
CA LEU A 114 7.42 -19.79 7.94
C LEU A 114 6.91 -20.56 9.17
N ARG A 115 7.11 -19.97 10.35
CA ARG A 115 6.84 -20.63 11.60
C ARG A 115 5.76 -19.87 12.35
N THR A 116 6.12 -18.89 13.19
CA THR A 116 5.09 -18.04 13.79
C THR A 116 4.64 -17.02 12.75
N THR A 117 3.33 -16.81 12.62
CA THR A 117 2.77 -15.85 11.66
C THR A 117 1.63 -15.07 12.26
N VAL A 118 1.20 -14.04 11.57
CA VAL A 118 0.03 -13.27 11.97
C VAL A 118 -1.18 -13.80 11.26
N GLN A 119 -2.29 -14.01 12.00
CA GLN A 119 -3.56 -14.41 11.44
C GLN A 119 -4.44 -13.16 11.47
N PRO A 120 -4.76 -12.55 10.32
CA PRO A 120 -5.64 -11.43 10.31
C PRO A 120 -7.08 -11.79 10.72
N GLY A 121 -7.86 -10.76 10.96
CA GLY A 121 -9.28 -10.91 11.20
C GLY A 121 -10.03 -11.14 9.91
N PRO A 122 -11.35 -11.34 10.02
CA PRO A 122 -12.13 -11.77 8.85
C PRO A 122 -12.17 -10.84 7.65
N LEU A 123 -11.83 -9.58 7.84
CA LEU A 123 -11.76 -8.67 6.69
C LEU A 123 -10.77 -9.20 5.63
N ALA A 124 -9.76 -9.93 6.08
CA ALA A 124 -8.75 -10.44 5.15
C ALA A 124 -9.28 -11.46 4.15
N ALA A 125 -10.46 -12.01 4.40
CA ALA A 125 -11.04 -13.01 3.51
C ALA A 125 -11.94 -12.34 2.47
N GLU A 126 -12.20 -11.02 2.65
CA GLU A 126 -13.09 -10.27 1.77
C GLU A 126 -12.31 -9.57 0.67
N LEU A 127 -13.02 -9.12 -0.38
CA LEU A 127 -12.43 -8.20 -1.38
C LEU A 127 -11.14 -8.82 -1.95
N GLU A 128 -9.96 -8.23 -1.73
CA GLU A 128 -8.74 -8.78 -2.32
C GLU A 128 -8.44 -10.15 -1.77
N GLY A 129 -8.95 -10.44 -0.60
CA GLY A 129 -8.75 -11.73 0.04
C GLY A 129 -9.63 -12.85 -0.49
N GLY A 130 -10.61 -12.54 -1.31
CA GLY A 130 -11.42 -13.57 -1.92
C GLY A 130 -10.57 -14.42 -2.82
N PRO A 131 -9.97 -13.81 -3.84
CA PRO A 131 -9.05 -14.53 -4.69
C PRO A 131 -7.78 -15.08 -4.01
N ARG A 132 -7.32 -14.42 -2.95
CA ARG A 132 -6.04 -14.73 -2.32
C ARG A 132 -6.20 -14.79 -0.83
N PRO A 133 -6.81 -15.86 -0.32
CA PRO A 133 -7.11 -15.93 1.10
C PRO A 133 -5.94 -15.95 2.06
N THR A 134 -4.71 -16.13 1.58
CA THR A 134 -3.55 -16.08 2.46
C THR A 134 -2.75 -14.79 2.27
N HIS A 135 -3.19 -13.92 1.36
CA HIS A 135 -2.37 -12.78 0.98
C HIS A 135 -2.13 -11.86 2.17
N PHE A 136 -3.20 -11.48 2.88
CA PHE A 136 -3.03 -10.47 3.94
C PHE A 136 -2.32 -11.05 5.18
N ALA A 137 -2.44 -12.37 5.44
CA ALA A 137 -1.63 -12.95 6.48
C ALA A 137 -0.14 -12.71 6.17
N GLY A 138 0.23 -12.90 4.91
CA GLY A 138 1.60 -12.60 4.50
C GLY A 138 2.00 -11.13 4.67
N VAL A 139 1.14 -10.23 4.21
CA VAL A 139 1.39 -8.80 4.35
C VAL A 139 1.54 -8.38 5.82
N LEU A 140 0.60 -8.82 6.65
CA LEU A 140 0.62 -8.40 8.07
C LEU A 140 1.84 -9.02 8.78
N THR A 141 2.21 -10.26 8.41
CA THR A 141 3.42 -10.88 9.00
C THR A 141 4.66 -10.04 8.67
N VAL A 142 4.82 -9.74 7.37
CA VAL A 142 5.99 -8.97 6.95
C VAL A 142 5.98 -7.59 7.55
N VAL A 143 4.85 -6.91 7.58
CA VAL A 143 4.79 -5.53 8.14
C VAL A 143 5.13 -5.56 9.64
N LEU A 144 4.55 -6.56 10.36
CA LEU A 144 4.86 -6.65 11.77
C LEU A 144 6.39 -6.80 11.98
N LYS A 145 6.99 -7.70 11.21
CA LYS A 145 8.48 -7.90 11.31
C LYS A 145 9.22 -6.59 11.01
N LEU A 146 8.82 -5.92 9.92
CA LEU A 146 9.51 -4.66 9.56
C LEU A 146 9.37 -3.64 10.68
N LEU A 147 8.16 -3.54 11.27
CA LEU A 147 7.96 -2.62 12.37
C LEU A 147 8.85 -2.93 13.57
N GLN A 148 9.04 -4.23 13.85
CA GLN A 148 9.85 -4.57 14.98
C GLN A 148 11.35 -4.36 14.76
N ILE A 149 11.78 -4.64 13.52
CA ILE A 149 13.19 -4.43 13.11
C ILE A 149 13.52 -2.95 13.19
N VAL A 150 12.70 -2.13 12.55
CA VAL A 150 13.00 -0.69 12.40
C VAL A 150 12.54 0.21 13.56
N ARG A 151 11.47 -0.19 14.22
CA ARG A 151 10.88 0.56 15.32
C ARG A 151 10.66 2.03 14.95
N PRO A 152 9.92 2.27 13.85
CA PRO A 152 9.68 3.62 13.40
C PRO A 152 8.66 4.32 14.28
N ASP A 153 8.71 5.65 14.31
CA ASP A 153 7.64 6.46 14.88
C ASP A 153 6.35 6.45 14.06
N ARG A 154 6.51 6.43 12.74
CA ARG A 154 5.40 6.42 11.79
C ARG A 154 5.73 5.49 10.63
N VAL A 155 4.68 4.89 10.09
CA VAL A 155 4.84 4.03 8.94
C VAL A 155 3.81 4.47 7.90
N PHE A 156 4.20 4.43 6.63
CA PHE A 156 3.44 5.06 5.54
C PHE A 156 2.98 4.02 4.55
N PHE A 157 1.69 4.08 4.19
CA PHE A 157 1.06 3.18 3.25
C PHE A 157 0.19 3.98 2.32
N GLY A 158 0.03 3.51 1.09
CA GLY A 158 -0.77 4.19 0.11
C GLY A 158 -2.25 3.91 0.21
N GLU A 159 -3.11 4.92 -0.02
CA GLU A 159 -4.58 4.67 0.00
C GLU A 159 -4.97 3.78 -1.16
N LYS A 160 -4.14 3.70 -2.20
CA LYS A 160 -4.50 2.86 -3.34
C LYS A 160 -4.85 1.43 -2.90
N ASP A 161 -4.09 0.91 -1.93
CA ASP A 161 -4.33 -0.42 -1.35
C ASP A 161 -5.11 -0.20 -0.06
N TYR A 162 -6.36 0.19 -0.21
CA TYR A 162 -7.13 0.72 0.94
C TYR A 162 -7.40 -0.40 1.96
N GLN A 163 -7.78 -1.58 1.48
CA GLN A 163 -8.02 -2.72 2.38
C GLN A 163 -6.77 -3.08 3.15
N GLN A 164 -5.62 -3.06 2.45
CA GLN A 164 -4.32 -3.25 3.14
C GLN A 164 -4.15 -2.23 4.26
N LEU A 165 -4.43 -0.96 3.96
CA LEU A 165 -4.30 0.11 4.97
C LEU A 165 -5.18 -0.14 6.19
N VAL A 166 -6.43 -0.52 5.91
CA VAL A 166 -7.39 -0.81 7.01
C VAL A 166 -6.86 -1.97 7.85
N LEU A 167 -6.42 -3.05 7.19
CA LEU A 167 -5.87 -4.20 7.94
C LEU A 167 -4.63 -3.84 8.72
N ILE A 168 -3.77 -2.97 8.21
CA ILE A 168 -2.60 -2.54 8.98
C ILE A 168 -3.08 -1.75 10.21
N ARG A 169 -4.10 -0.91 10.07
CA ARG A 169 -4.62 -0.23 11.27
C ARG A 169 -5.15 -1.27 12.28
N GLN A 170 -5.79 -2.33 11.78
CA GLN A 170 -6.25 -3.41 12.71
C GLN A 170 -5.06 -4.08 13.41
N LEU A 171 -4.01 -4.40 12.66
CA LEU A 171 -2.80 -5.00 13.23
C LEU A 171 -2.28 -4.10 14.34
N VAL A 172 -2.16 -2.80 14.06
CA VAL A 172 -1.54 -1.86 15.03
C VAL A 172 -2.43 -1.76 16.28
N ALA A 173 -3.75 -1.65 16.09
CA ALA A 173 -4.65 -1.56 17.24
C ALA A 173 -4.61 -2.85 18.03
N ASP A 174 -4.78 -3.97 17.32
CA ASP A 174 -4.97 -5.26 17.98
C ASP A 174 -3.77 -5.76 18.74
N PHE A 175 -2.57 -5.42 18.26
CA PHE A 175 -1.34 -5.81 18.92
C PHE A 175 -0.68 -4.66 19.72
N ASN A 176 -1.41 -3.55 19.86
CA ASN A 176 -0.97 -2.44 20.73
C ASN A 176 0.35 -1.87 20.26
N LEU A 177 0.50 -1.79 18.95
CA LEU A 177 1.78 -1.31 18.39
C LEU A 177 1.90 0.21 18.55
N ASP A 178 3.08 0.65 18.97
CA ASP A 178 3.34 2.03 19.25
C ASP A 178 3.92 2.64 18.00
N VAL A 179 3.10 2.77 16.99
CA VAL A 179 3.48 3.40 15.71
C VAL A 179 2.25 4.13 15.19
N ALA A 180 2.46 5.27 14.51
CA ALA A 180 1.40 5.97 13.82
C ALA A 180 1.36 5.48 12.40
N VAL A 181 0.17 5.11 11.96
CA VAL A 181 -0.04 4.65 10.59
C VAL A 181 -0.53 5.84 9.76
N VAL A 182 0.19 6.14 8.71
CA VAL A 182 -0.10 7.30 7.87
C VAL A 182 -0.50 6.82 6.49
N GLY A 183 -1.74 7.12 6.07
CA GLY A 183 -2.18 6.81 4.74
C GLY A 183 -1.94 7.97 3.84
N VAL A 184 -1.35 7.71 2.67
CA VAL A 184 -0.96 8.74 1.73
C VAL A 184 -1.87 8.63 0.51
N PRO A 185 -2.43 9.75 0.06
CA PRO A 185 -3.34 9.68 -1.08
C PRO A 185 -2.73 9.09 -2.33
N THR A 186 -3.60 8.47 -3.09
CA THR A 186 -3.19 7.81 -4.33
C THR A 186 -2.67 8.79 -5.37
N VAL A 187 -1.47 8.50 -5.89
CA VAL A 187 -0.81 9.27 -6.93
C VAL A 187 -1.29 8.72 -8.26
N ARG A 188 -1.72 9.63 -9.13
CA ARG A 188 -2.36 9.24 -10.39
C ARG A 188 -1.64 9.87 -11.57
N GLU A 189 -1.73 9.18 -12.69
CA GLU A 189 -1.36 9.75 -13.97
C GLU A 189 -2.29 10.92 -14.30
N ALA A 190 -1.94 11.69 -15.34
CA ALA A 190 -2.74 12.87 -15.65
C ALA A 190 -4.17 12.55 -16.00
N ASP A 191 -4.42 11.38 -16.57
CA ASP A 191 -5.78 10.97 -16.89
C ASP A 191 -6.55 10.33 -15.74
N GLY A 192 -5.89 10.14 -14.59
CA GLY A 192 -6.53 9.53 -13.48
C GLY A 192 -6.03 8.16 -13.05
N LEU A 193 -5.34 7.46 -13.94
CA LEU A 193 -4.94 6.08 -13.66
C LEU A 193 -4.03 6.05 -12.44
N ALA A 194 -4.37 5.20 -11.48
CA ALA A 194 -3.58 5.05 -10.30
C ALA A 194 -2.23 4.45 -10.65
N MET A 195 -1.14 5.09 -10.24
CA MET A 195 0.16 4.52 -10.55
C MET A 195 0.36 3.21 -9.80
N SER A 196 1.01 2.25 -10.46
CA SER A 196 1.25 0.97 -9.85
C SER A 196 2.32 0.26 -10.63
N SER A 197 3.18 -0.51 -9.97
CA SER A 197 4.25 -1.22 -10.71
C SER A 197 3.67 -2.09 -11.81
N ARG A 198 2.53 -2.70 -11.53
CA ARG A 198 1.89 -3.61 -12.47
C ARG A 198 1.42 -2.91 -13.72
N ASN A 199 1.32 -1.58 -13.73
CA ASN A 199 0.90 -0.87 -14.95
C ASN A 199 1.89 -1.13 -16.10
N ARG A 200 3.13 -1.47 -15.73
CA ARG A 200 4.14 -1.76 -16.75
C ARG A 200 3.77 -2.97 -17.60
N TYR A 201 2.84 -3.80 -17.13
CA TYR A 201 2.42 -4.96 -17.93
C TYR A 201 1.40 -4.65 -18.98
N LEU A 202 0.84 -3.45 -18.94
CA LEU A 202 -0.24 -3.08 -19.86
C LEU A 202 0.34 -2.66 -21.21
N ASP A 203 -0.24 -3.14 -22.30
CA ASP A 203 0.11 -2.64 -23.63
C ASP A 203 -0.59 -1.28 -23.82
N PRO A 204 -0.25 -0.55 -24.89
CA PRO A 204 -0.84 0.79 -25.02
C PRO A 204 -2.37 0.82 -25.04
N ALA A 205 -3.01 -0.12 -25.73
CA ALA A 205 -4.48 -0.12 -25.75
C ALA A 205 -5.05 -0.41 -24.37
N GLN A 206 -4.43 -1.36 -23.65
CA GLN A 206 -4.87 -1.63 -22.29
C GLN A 206 -4.64 -0.48 -21.34
N ARG A 207 -3.53 0.21 -21.49
CA ARG A 207 -3.24 1.38 -20.66
C ARG A 207 -4.31 2.46 -20.93
N ALA A 208 -4.69 2.62 -22.18
CA ALA A 208 -5.75 3.60 -22.49
C ALA A 208 -7.06 3.17 -21.88
N ALA A 209 -7.40 1.89 -22.01
CA ALA A 209 -8.68 1.37 -21.46
C ALA A 209 -8.74 1.45 -19.94
N ALA A 210 -7.58 1.31 -19.29
CA ALA A 210 -7.48 1.25 -17.86
C ALA A 210 -7.96 2.52 -17.15
N VAL A 211 -8.02 3.63 -17.90
CA VAL A 211 -8.52 4.87 -17.32
C VAL A 211 -9.94 4.66 -16.81
N ALA A 212 -10.63 3.63 -17.29
CA ALA A 212 -12.03 3.35 -16.87
C ALA A 212 -12.19 3.20 -15.38
N LEU A 213 -11.20 2.64 -14.68
CA LEU A 213 -11.37 2.40 -13.24
C LEU A 213 -11.50 3.74 -12.51
N SER A 214 -10.56 4.66 -12.74
CA SER A 214 -10.59 5.97 -12.07
C SER A 214 -11.75 6.79 -12.56
N ALA A 215 -12.04 6.70 -13.87
CA ALA A 215 -13.21 7.42 -14.42
C ALA A 215 -14.52 6.96 -13.74
N ALA A 216 -14.65 5.66 -13.53
CA ALA A 216 -15.81 5.10 -12.89
C ALA A 216 -15.96 5.61 -11.45
N LEU A 217 -14.87 5.55 -10.72
CA LEU A 217 -14.87 5.92 -9.31
C LEU A 217 -15.14 7.42 -9.17
N THR A 218 -14.51 8.26 -10.00
CA THR A 218 -14.69 9.70 -9.89
C THR A 218 -16.13 10.06 -10.28
N ALA A 219 -16.62 9.44 -11.36
CA ALA A 219 -18.02 9.59 -11.70
C ALA A 219 -18.94 9.28 -10.50
N ALA A 220 -18.65 8.16 -9.84
CA ALA A 220 -19.47 7.74 -8.70
C ALA A 220 -19.42 8.77 -7.58
N ALA A 221 -18.21 9.27 -7.33
CA ALA A 221 -18.05 10.22 -6.22
C ALA A 221 -18.93 11.47 -6.41
N HIS A 222 -19.05 11.88 -7.66
CA HIS A 222 -19.92 13.04 -7.98
C HIS A 222 -21.39 12.70 -8.13
N ALA A 223 -21.69 11.51 -8.61
CA ALA A 223 -23.06 11.00 -8.66
C ALA A 223 -23.68 10.86 -7.27
N ALA A 224 -22.80 10.74 -6.27
CA ALA A 224 -23.22 10.38 -4.90
C ALA A 224 -24.08 11.41 -4.24
N THR A 225 -24.16 12.63 -4.79
CA THR A 225 -25.14 13.57 -4.25
C THR A 225 -26.58 13.04 -4.41
N ALA A 226 -26.76 12.14 -5.36
CA ALA A 226 -28.06 11.52 -5.63
C ALA A 226 -28.24 10.16 -4.95
N GLY A 227 -27.25 9.81 -4.15
CA GLY A 227 -27.34 8.65 -3.25
C GLY A 227 -26.44 7.49 -3.65
N ALA A 228 -26.46 6.44 -2.82
CA ALA A 228 -25.54 5.35 -3.00
C ALA A 228 -25.80 4.54 -4.26
N GLN A 229 -27.06 4.27 -4.54
CA GLN A 229 -27.38 3.49 -5.74
C GLN A 229 -26.96 4.24 -7.01
N ALA A 230 -27.20 5.56 -7.03
CA ALA A 230 -26.77 6.36 -8.18
C ALA A 230 -25.24 6.28 -8.37
N ALA A 231 -24.51 6.35 -7.26
CA ALA A 231 -23.05 6.26 -7.32
C ALA A 231 -22.61 4.93 -7.90
N LEU A 232 -23.13 3.85 -7.32
CA LEU A 232 -22.80 2.51 -7.82
C LEU A 232 -23.15 2.33 -9.30
N ASP A 233 -24.35 2.76 -9.68
CA ASP A 233 -24.82 2.57 -11.05
C ASP A 233 -23.96 3.39 -12.02
N ALA A 234 -23.55 4.58 -11.59
CA ALA A 234 -22.69 5.40 -12.47
C ALA A 234 -21.35 4.70 -12.74
N ALA A 235 -20.72 4.25 -11.68
CA ALA A 235 -19.46 3.50 -11.81
C ALA A 235 -19.63 2.26 -12.68
N ARG A 236 -20.70 1.50 -12.44
CA ARG A 236 -20.92 0.26 -13.22
C ARG A 236 -21.08 0.61 -14.71
N ALA A 237 -21.79 1.71 -14.98
CA ALA A 237 -22.01 2.14 -16.37
C ALA A 237 -20.70 2.46 -17.06
N VAL A 238 -19.81 3.17 -16.37
CA VAL A 238 -18.51 3.51 -16.96
C VAL A 238 -17.73 2.23 -17.25
N LEU A 239 -17.67 1.34 -16.27
CA LEU A 239 -16.97 0.07 -16.47
C LEU A 239 -17.56 -0.79 -17.58
N ASP A 240 -18.90 -0.85 -17.66
CA ASP A 240 -19.61 -1.59 -18.73
C ASP A 240 -19.32 -0.95 -20.11
N ALA A 241 -18.98 0.34 -20.15
CA ALA A 241 -18.66 0.98 -21.43
C ALA A 241 -17.25 0.69 -21.94
N ALA A 242 -16.41 0.06 -21.11
CA ALA A 242 -15.03 -0.27 -21.47
C ALA A 242 -14.93 -1.75 -21.80
N PRO A 243 -15.03 -2.13 -23.08
CA PRO A 243 -15.11 -3.56 -23.40
C PRO A 243 -13.96 -4.47 -22.87
N GLY A 244 -12.72 -3.98 -22.85
CA GLY A 244 -11.58 -4.84 -22.48
C GLY A 244 -11.35 -4.91 -20.97
N VAL A 245 -12.32 -4.44 -20.20
CA VAL A 245 -12.20 -4.40 -18.75
C VAL A 245 -13.20 -5.40 -18.12
N ALA A 246 -12.69 -6.39 -17.42
CA ALA A 246 -13.51 -7.42 -16.80
C ALA A 246 -13.55 -7.16 -15.31
N VAL A 247 -14.70 -6.72 -14.81
CA VAL A 247 -14.77 -6.34 -13.39
C VAL A 247 -14.81 -7.55 -12.49
N ASP A 248 -14.00 -7.53 -11.43
CA ASP A 248 -13.98 -8.59 -10.44
C ASP A 248 -14.93 -8.22 -9.31
N TYR A 249 -14.78 -7.00 -8.78
CA TYR A 249 -15.78 -6.51 -7.84
C TYR A 249 -15.86 -4.98 -7.92
N LEU A 250 -16.98 -4.46 -7.46
CA LEU A 250 -17.23 -3.04 -7.33
C LEU A 250 -18.12 -2.93 -6.09
N GLU A 251 -17.56 -2.45 -4.97
CA GLU A 251 -18.26 -2.49 -3.69
C GLU A 251 -18.15 -1.17 -2.95
N LEU A 252 -19.27 -0.73 -2.41
CA LEU A 252 -19.33 0.45 -1.57
C LEU A 252 -19.40 -0.01 -0.10
N ARG A 253 -18.53 0.52 0.75
CA ARG A 253 -18.43 0.11 2.14
C ARG A 253 -18.25 1.33 3.01
N ASP A 254 -18.39 1.18 4.33
CA ASP A 254 -18.00 2.28 5.21
C ASP A 254 -16.48 2.44 5.19
N ILE A 255 -15.99 3.47 5.87
CA ILE A 255 -14.54 3.76 5.77
C ILE A 255 -13.65 2.69 6.45
N GLY A 256 -14.23 1.88 7.33
CA GLY A 256 -13.54 0.75 7.92
C GLY A 256 -13.79 -0.57 7.22
N LEU A 257 -14.45 -0.50 6.07
CA LEU A 257 -14.78 -1.66 5.22
C LEU A 257 -15.88 -2.57 5.76
N GLY A 258 -16.63 -2.04 6.72
CA GLY A 258 -17.91 -2.64 7.10
C GLY A 258 -19.01 -2.19 6.16
N PRO A 259 -20.25 -2.57 6.49
CA PRO A 259 -21.39 -2.18 5.68
C PRO A 259 -21.52 -0.66 5.60
N MET A 260 -21.83 -0.19 4.41
CA MET A 260 -22.07 1.22 4.20
C MET A 260 -23.32 1.56 4.98
N PRO A 261 -23.27 2.64 5.74
CA PRO A 261 -24.44 3.10 6.48
C PRO A 261 -25.35 3.91 5.56
N LEU A 262 -26.57 4.19 6.02
CA LEU A 262 -27.55 4.87 5.16
C LEU A 262 -27.14 6.28 4.75
N ASN A 263 -26.67 7.07 5.73
CA ASN A 263 -26.04 8.36 5.43
C ASN A 263 -24.63 8.47 6.03
N GLY A 264 -23.66 8.94 5.24
CA GLY A 264 -22.33 9.21 5.76
C GLY A 264 -21.21 8.96 4.76
N SER A 265 -20.02 8.74 5.32
CA SER A 265 -18.81 8.56 4.54
C SER A 265 -18.59 7.10 4.25
N GLY A 266 -18.08 6.83 3.06
CA GLY A 266 -17.80 5.48 2.69
C GLY A 266 -16.61 5.47 1.74
N ARG A 267 -16.37 4.28 1.21
CA ARG A 267 -15.28 4.05 0.27
C ARG A 267 -15.82 3.13 -0.81
N LEU A 268 -15.58 3.48 -2.06
CA LEU A 268 -15.94 2.64 -3.22
C LEU A 268 -14.66 2.01 -3.74
N LEU A 269 -14.68 0.71 -3.85
CA LEU A 269 -13.52 -0.10 -4.24
C LEU A 269 -13.82 -0.87 -5.49
N VAL A 270 -12.85 -0.92 -6.41
CA VAL A 270 -13.01 -1.67 -7.63
C VAL A 270 -11.73 -2.49 -7.89
N ALA A 271 -11.93 -3.68 -8.46
CA ALA A 271 -10.82 -4.50 -8.99
C ALA A 271 -11.32 -5.01 -10.34
N ALA A 272 -10.44 -4.98 -11.35
CA ALA A 272 -10.80 -5.40 -12.71
C ALA A 272 -9.57 -5.89 -13.42
N ARG A 273 -9.78 -6.79 -14.37
CA ARG A 273 -8.72 -7.38 -15.16
C ARG A 273 -8.70 -6.80 -16.55
N LEU A 274 -7.49 -6.48 -17.00
CA LEU A 274 -7.25 -6.09 -18.39
C LEU A 274 -6.25 -7.08 -18.96
N GLY A 275 -6.74 -8.00 -19.78
CA GLY A 275 -5.92 -9.10 -20.22
C GLY A 275 -5.54 -9.92 -19.02
N THR A 276 -4.24 -10.10 -18.80
CA THR A 276 -3.75 -10.87 -17.64
C THR A 276 -3.42 -10.02 -16.42
N THR A 277 -3.68 -8.72 -16.46
CA THR A 277 -3.26 -7.83 -15.38
C THR A 277 -4.48 -7.39 -14.60
N ARG A 278 -4.42 -7.57 -13.29
CA ARG A 278 -5.51 -7.17 -12.41
C ARG A 278 -5.16 -5.82 -11.83
N LEU A 279 -6.05 -4.84 -11.99
CA LEU A 279 -5.86 -3.52 -11.46
C LEU A 279 -6.87 -3.23 -10.34
N LEU A 280 -6.47 -2.39 -9.40
CA LEU A 280 -7.37 -2.02 -8.32
C LEU A 280 -7.32 -0.52 -8.12
N ASP A 281 -8.39 0.03 -7.57
CA ASP A 281 -8.44 1.44 -7.25
C ASP A 281 -9.62 1.63 -6.29
N ASN A 282 -9.67 2.78 -5.68
CA ASN A 282 -10.73 3.12 -4.71
C ASN A 282 -10.79 4.63 -4.49
N ILE A 283 -11.93 5.08 -3.99
CA ILE A 283 -12.14 6.52 -3.78
C ILE A 283 -13.05 6.76 -2.58
N ALA A 284 -12.87 7.89 -1.93
CA ALA A 284 -13.81 8.38 -0.91
C ALA A 284 -15.16 8.69 -1.53
N ILE A 285 -16.21 8.37 -0.77
CA ILE A 285 -17.58 8.66 -1.21
C ILE A 285 -18.29 9.30 -0.02
N GLU A 286 -19.09 10.33 -0.30
CA GLU A 286 -19.88 10.93 0.75
C GLU A 286 -21.34 10.81 0.33
N ILE A 287 -22.16 10.24 1.22
CA ILE A 287 -23.62 10.10 1.06
C ILE A 287 -24.37 10.78 2.19
N GLY A 288 -25.47 11.42 1.84
CA GLY A 288 -26.31 12.11 2.85
C GLY A 288 -25.74 13.49 3.15
N THR A 289 -24.98 13.98 2.18
CA THR A 289 -24.40 15.32 2.19
C THR A 289 -25.45 16.42 2.06
#